data_6XTA
#
_entry.id   6XTA
#
_cell.length_a   154.040
_cell.length_b   154.040
_cell.length_c   127.970
_cell.angle_alpha   90.000
_cell.angle_beta   90.000
_cell.angle_gamma   90.000
#
_symmetry.space_group_name_H-M   'I 4 2 2'
#
loop_
_entity.id
_entity.type
_entity.pdbx_description
1 polymer Cholinesterase
2 branched alpha-L-fucopyranose-(1-6)-2-acetamido-2-deoxy-beta-D-glucopyranose
3 branched 2-acetamido-2-deoxy-beta-D-glucopyranose-(1-4)-2-acetamido-2-deoxy-beta-D-glucopyranose
4 branched 2-acetamido-2-deoxy-beta-D-glucopyranose-(1-4)-[1-deoxy-alpha-D-tagatopyranose-(2-6)]2-acetamido-2-deoxy-beta-D-glucopyranose
5 non-polymer 2-acetamido-2-deoxy-beta-D-glucopyranose
6 non-polymer (2~{S})-2-(butylamino)-3-(1~{H}-indol-3-yl)-~{N}-[2-[(4~{R})-1-(phenylmethyl)azepan-4-yl]ethyl]propanamide
7 non-polymer 'SULFATE ION'
8 non-polymer 'CHLORIDE ION'
9 water water
#
_entity_poly.entity_id   1
_entity_poly.type   'polypeptide(L)'
_entity_poly.pdbx_seq_one_letter_code
;EDDIIIATKNGKVRGMQLTVFGGTVTAFLGIPYAQPPLGRLRFKKPQSLTKWSDIWNATKYANSCCQNIDQSFPGFHGSE
MWNPNTDLSEDCLYLNVWIPAPKPKNATVLIWIYGGGFQTGTSSLHVYDGKFLARVERVIVVSMNYRVGALGFLALPGNP
EAPGNMGLFDQQLALQWVQKNIAAFGGNPKSVTLFGESAGAASVSLHLLSPGSHSLFTRAILQSGSFNAPWAVTSLYEAR
NRTLNLAKLTGCSRENETEIIKCLRNKDPQEILLNEAFVVPYGTPLSVNFGPTVDGDFLTDMPDILLELGQFKKTQILVG
VNKDEGTAFLVYGAPGFSKDNNSIITRKEFQEGLKIFFPGVSEFGKESILFHYTDWVDDQRPENYREALGDVVGDYNFIC
PALEFTKKFSEWGNNAFFYYFEHRSSKLPWPEWMGVMHGYEIEFVFGLPLERRDQYTKAEEILSRSIVKRWANFAKYGNP
QETQNQSTSWPVFKSTEQKYLTLNTESTRIMTKLRAQQCRFWTSFFPKV
;
_entity_poly.pdbx_strand_id   A
#
loop_
_chem_comp.id
_chem_comp.type
_chem_comp.name
_chem_comp.formula
CL non-polymer 'CHLORIDE ION' 'Cl -1'
FUC L-saccharide, alpha linking alpha-L-fucopyranose 'C6 H12 O5'
NAG D-saccharide, beta linking 2-acetamido-2-deoxy-beta-D-glucopyranose 'C8 H15 N O6'
O0Z non-polymer (2~{S})-2-(butylamino)-3-(1~{H}-indol-3-yl)-~{N}-[2-[(4~{R})-1-(phenylmethyl)azepan-4-yl]ethyl]propanamide 'C30 H42 N4 O'
SO4 non-polymer 'SULFATE ION' 'O4 S -2'
TGY D-saccharide, alpha linking 1-deoxy-alpha-D-tagatopyranose 'C6 H12 O5'
#
# COMPACT_ATOMS: atom_id res chain seq x y z
N ASP A 3 16.59 -22.78 17.37
CA ASP A 3 17.69 -23.63 16.92
C ASP A 3 18.71 -22.87 16.06
N ILE A 4 18.25 -21.90 15.27
CA ILE A 4 19.15 -21.00 14.56
C ILE A 4 19.07 -19.62 15.21
N ILE A 5 20.18 -19.14 15.71
CA ILE A 5 20.26 -17.84 16.35
C ILE A 5 21.15 -16.94 15.50
N ILE A 6 20.61 -15.79 15.11
CA ILE A 6 21.36 -14.76 14.41
C ILE A 6 21.63 -13.65 15.40
N ALA A 7 22.90 -13.23 15.48
CA ALA A 7 23.28 -12.14 16.35
C ALA A 7 23.03 -10.83 15.61
N THR A 8 22.26 -9.94 16.22
CA THR A 8 21.95 -8.64 15.64
C THR A 8 22.68 -7.54 16.40
N LYS A 9 22.59 -6.31 15.89
CA LYS A 9 23.32 -5.22 16.52
C LYS A 9 22.79 -4.90 17.91
N ASN A 10 21.58 -5.37 18.24
CA ASN A 10 20.96 -5.12 19.53
C ASN A 10 20.85 -6.35 20.42
N GLY A 11 21.09 -7.54 19.87
CA GLY A 11 21.07 -8.73 20.68
C GLY A 11 20.87 -9.95 19.79
N LYS A 12 20.80 -11.10 20.44
CA LYS A 12 20.57 -12.34 19.71
C LYS A 12 19.08 -12.56 19.51
N VAL A 13 18.72 -13.16 18.39
CA VAL A 13 17.33 -13.50 18.10
C VAL A 13 17.26 -14.95 17.60
N ARG A 14 16.30 -15.70 18.13
CA ARG A 14 16.08 -17.08 17.73
C ARG A 14 14.92 -17.14 16.74
N GLY A 15 15.17 -17.79 15.62
CA GLY A 15 14.17 -17.91 14.58
C GLY A 15 13.38 -19.19 14.68
N MET A 16 12.88 -19.61 13.54
CA MET A 16 11.91 -20.68 13.45
C MET A 16 12.02 -21.25 12.05
N GLN A 17 11.82 -22.56 11.92
CA GLN A 17 12.05 -23.23 10.64
C GLN A 17 10.74 -23.72 10.06
N LEU A 18 10.51 -23.38 8.81
CA LEU A 18 9.30 -23.74 8.12
C LEU A 18 9.62 -24.71 7.00
N THR A 19 8.73 -25.67 6.79
CA THR A 19 8.80 -26.59 5.67
C THR A 19 7.99 -25.99 4.53
N VAL A 20 8.65 -25.67 3.41
CA VAL A 20 7.99 -25.06 2.26
C VAL A 20 8.39 -25.82 1.00
N PHE A 21 7.41 -26.41 0.33
CA PHE A 21 7.62 -27.07 -0.97
C PHE A 21 8.85 -27.99 -0.92
N GLY A 22 8.77 -29.02 -0.09
CA GLY A 22 9.91 -29.92 0.06
C GLY A 22 11.22 -29.25 0.41
N GLY A 23 11.18 -28.02 0.92
CA GLY A 23 12.39 -27.30 1.27
C GLY A 23 12.24 -26.64 2.63
N THR A 24 13.11 -25.70 2.96
CA THR A 24 13.05 -25.05 4.27
C THR A 24 13.24 -23.54 4.12
N VAL A 25 12.39 -22.77 4.78
CA VAL A 25 12.58 -21.34 4.94
C VAL A 25 12.72 -21.06 6.43
N THR A 26 13.57 -20.11 6.79
CA THR A 26 13.73 -19.69 8.18
C THR A 26 13.00 -18.37 8.39
N ALA A 27 11.98 -18.38 9.25
CA ALA A 27 11.20 -17.18 9.56
C ALA A 27 11.68 -16.58 10.87
N PHE A 28 11.88 -15.27 10.88
CA PHE A 28 12.10 -14.50 12.10
C PHE A 28 10.90 -13.56 12.23
N LEU A 29 9.88 -14.00 12.97
CA LEU A 29 8.61 -13.29 13.05
C LEU A 29 8.58 -12.45 14.33
N GLY A 30 8.44 -11.14 14.18
CA GLY A 30 8.27 -10.29 15.34
C GLY A 30 9.55 -9.83 16.00
N ILE A 31 10.45 -9.24 15.24
CA ILE A 31 11.63 -8.60 15.81
C ILE A 31 11.30 -7.12 16.02
N PRO A 32 11.55 -6.55 17.20
CA PRO A 32 11.26 -5.12 17.40
C PRO A 32 12.31 -4.26 16.74
N TYR A 33 11.88 -3.14 16.19
CA TYR A 33 12.82 -2.23 15.56
C TYR A 33 12.75 -0.82 16.15
N ALA A 34 12.19 -0.67 17.36
CA ALA A 34 12.07 0.64 17.98
C ALA A 34 11.63 0.48 19.44
N GLN A 35 11.99 1.47 20.27
CA GLN A 35 11.43 1.52 21.62
C GLN A 35 9.93 1.74 21.50
N PRO A 36 9.10 0.93 22.16
CA PRO A 36 7.64 1.01 21.98
C PRO A 36 7.11 2.42 22.17
N PRO A 37 6.26 2.86 21.28
CA PRO A 37 5.82 4.26 21.28
C PRO A 37 4.67 4.50 22.26
N LEU A 38 4.90 4.18 23.52
CA LEU A 38 3.89 4.30 24.57
C LEU A 38 4.21 5.47 25.49
N GLY A 39 3.24 5.79 26.34
CA GLY A 39 3.44 6.83 27.33
C GLY A 39 3.66 8.18 26.68
N ARG A 40 4.70 8.87 27.12
CA ARG A 40 5.11 10.14 26.52
C ARG A 40 5.54 10.00 25.06
N LEU A 41 5.90 8.78 24.63
CA LEU A 41 6.37 8.52 23.26
C LEU A 41 5.25 8.45 22.23
N ARG A 42 4.01 8.21 22.66
CA ARG A 42 2.90 8.26 21.72
C ARG A 42 2.93 9.56 20.95
N PHE A 43 2.66 9.47 19.64
CA PHE A 43 2.66 10.54 18.65
C PHE A 43 4.06 10.98 18.25
N LYS A 44 5.10 10.54 18.94
CA LYS A 44 6.43 11.02 18.63
C LYS A 44 7.10 10.07 17.66
N LYS A 45 8.18 10.56 17.03
CA LYS A 45 8.94 9.77 16.08
C LYS A 45 9.43 8.50 16.76
N PRO A 46 9.58 7.41 16.00
CA PRO A 46 10.06 6.17 16.61
C PRO A 46 11.42 6.39 17.24
N GLN A 47 11.60 5.91 18.45
CA GLN A 47 12.84 6.10 19.18
C GLN A 47 13.71 4.86 19.08
N SER A 48 15.02 5.08 19.15
CA SER A 48 15.99 3.99 19.00
C SER A 48 15.82 2.96 20.11
N LEU A 49 16.23 1.74 19.80
CA LEU A 49 16.05 0.58 20.67
C LEU A 49 17.39 0.22 21.29
N THR A 50 17.44 0.17 22.61
CA THR A 50 18.69 -0.10 23.31
C THR A 50 18.84 -1.61 23.54
N LYS A 51 20.06 -2.07 23.31
CA LYS A 51 20.60 -3.41 23.50
C LYS A 51 19.83 -4.27 24.50
N TRP A 52 19.56 -5.53 24.13
CA TRP A 52 19.10 -6.50 25.09
C TRP A 52 20.15 -7.60 25.24
N SER A 53 20.10 -8.26 26.39
CA SER A 53 21.14 -9.20 26.78
C SER A 53 20.81 -10.63 26.44
N ASP A 54 19.53 -10.96 26.30
CA ASP A 54 19.08 -12.34 26.16
C ASP A 54 19.03 -12.73 24.68
N ILE A 55 18.29 -13.79 24.36
CA ILE A 55 17.93 -14.15 23.00
C ILE A 55 16.45 -13.85 22.84
N TRP A 56 16.12 -12.86 21.99
CA TRP A 56 14.73 -12.60 21.67
C TRP A 56 14.16 -13.72 20.82
N ASN A 57 12.92 -14.09 21.10
CA ASN A 57 12.27 -15.21 20.41
C ASN A 57 11.34 -14.63 19.35
N ALA A 58 11.79 -14.67 18.09
CA ALA A 58 11.01 -14.15 16.98
C ALA A 58 10.31 -15.31 16.26
N THR A 59 9.37 -15.89 16.96
CA THR A 59 8.72 -17.13 16.56
C THR A 59 7.23 -17.00 16.33
N LYS A 60 6.65 -15.82 16.55
CA LYS A 60 5.24 -15.56 16.27
C LYS A 60 5.14 -14.12 15.78
N TYR A 61 4.15 -13.84 14.94
CA TYR A 61 3.87 -12.45 14.60
C TYR A 61 3.68 -11.62 15.88
N ALA A 62 4.10 -10.36 15.84
CA ALA A 62 3.91 -9.51 17.00
C ALA A 62 2.57 -8.78 16.87
N ASN A 63 2.28 -7.96 17.88
CA ASN A 63 1.08 -7.11 17.90
C ASN A 63 0.93 -6.25 16.64
N SER A 64 -0.28 -6.20 16.11
CA SER A 64 -0.65 -5.23 15.10
C SER A 64 -0.94 -3.89 15.80
N CYS A 65 -0.57 -2.79 15.15
CA CYS A 65 -0.82 -1.46 15.69
C CYS A 65 -2.33 -1.18 15.81
N CYS A 66 -2.70 -0.30 16.76
CA CYS A 66 -4.11 0.02 16.92
C CYS A 66 -4.71 0.55 15.63
N GLN A 67 -6.00 0.25 15.44
CA GLN A 67 -6.71 0.56 14.21
C GLN A 67 -8.18 0.16 14.33
N ASN A 68 -9.07 0.89 13.67
CA ASN A 68 -10.44 0.46 13.54
C ASN A 68 -10.55 -0.71 12.57
N ILE A 69 -11.49 -1.62 12.85
CA ILE A 69 -11.68 -2.84 12.07
C ILE A 69 -12.79 -2.63 11.05
N ASP A 70 -12.65 -3.25 9.88
CA ASP A 70 -13.72 -3.26 8.89
C ASP A 70 -14.87 -4.13 9.40
N GLN A 71 -16.06 -3.54 9.54
CA GLN A 71 -17.21 -4.25 10.10
C GLN A 71 -18.38 -4.36 9.15
N SER A 72 -18.22 -3.95 7.91
CA SER A 72 -19.37 -3.95 7.02
C SER A 72 -19.78 -5.33 6.52
N PHE A 73 -19.02 -6.40 6.77
CA PHE A 73 -19.41 -7.74 6.34
C PHE A 73 -18.96 -8.78 7.35
N PRO A 74 -19.56 -8.79 8.54
CA PRO A 74 -19.14 -9.75 9.56
C PRO A 74 -19.24 -11.18 9.04
N GLY A 75 -18.16 -11.93 9.24
CA GLY A 75 -18.11 -13.32 8.85
C GLY A 75 -17.83 -13.58 7.40
N PHE A 76 -17.57 -12.53 6.61
CA PHE A 76 -17.30 -12.64 5.18
C PHE A 76 -15.80 -12.56 4.96
N HIS A 77 -15.22 -13.62 4.40
CA HIS A 77 -13.77 -13.69 4.23
C HIS A 77 -13.24 -12.57 3.35
N GLY A 78 -14.01 -12.17 2.34
CA GLY A 78 -13.55 -11.14 1.40
C GLY A 78 -13.16 -9.84 2.07
N SER A 79 -13.80 -9.51 3.18
CA SER A 79 -13.43 -8.35 3.98
C SER A 79 -12.59 -8.71 5.18
N GLU A 80 -12.92 -9.80 5.87
CA GLU A 80 -12.25 -10.09 7.13
C GLU A 80 -10.80 -10.51 6.92
N MET A 81 -10.47 -11.03 5.74
CA MET A 81 -9.09 -11.35 5.40
C MET A 81 -8.15 -10.15 5.49
N TRP A 82 -8.70 -8.93 5.53
CA TRP A 82 -7.92 -7.70 5.63
C TRP A 82 -7.81 -7.15 7.04
N ASN A 83 -8.59 -7.65 7.98
CA ASN A 83 -8.53 -7.19 9.36
C ASN A 83 -7.36 -7.82 10.10
N PRO A 84 -6.89 -7.20 11.18
CA PRO A 84 -5.73 -7.73 11.90
C PRO A 84 -5.95 -9.16 12.38
N ASN A 85 -4.95 -10.01 12.14
CA ASN A 85 -4.96 -11.39 12.65
C ASN A 85 -4.04 -11.50 13.84
N THR A 86 -4.00 -10.45 14.65
CA THR A 86 -3.06 -10.36 15.74
C THR A 86 -3.56 -9.30 16.72
N ASP A 87 -3.27 -9.50 18.01
CA ASP A 87 -3.63 -8.55 19.05
C ASP A 87 -3.29 -7.12 18.63
N LEU A 88 -4.26 -6.23 18.75
CA LEU A 88 -3.94 -4.81 18.59
C LEU A 88 -3.24 -4.32 19.84
N SER A 89 -2.35 -3.36 19.64
CA SER A 89 -1.65 -2.77 20.77
C SER A 89 -0.89 -1.57 20.23
N GLU A 90 -0.73 -0.56 21.08
CA GLU A 90 0.17 0.53 20.73
C GLU A 90 1.61 0.04 20.61
N ASP A 91 1.94 -1.09 21.24
CA ASP A 91 3.28 -1.65 21.19
C ASP A 91 3.34 -2.58 19.98
N CYS A 92 3.71 -2.04 18.82
CA CYS A 92 3.57 -2.81 17.59
C CYS A 92 4.69 -2.55 16.59
N LEU A 93 5.72 -1.79 16.96
CA LEU A 93 6.83 -1.53 16.04
C LEU A 93 7.73 -2.75 16.02
N TYR A 94 7.37 -3.70 15.15
CA TYR A 94 8.08 -4.96 14.96
C TYR A 94 8.17 -5.25 13.47
N LEU A 95 8.95 -6.27 13.12
CA LEU A 95 9.10 -6.67 11.72
C LEU A 95 9.40 -8.17 11.60
N ASN A 96 9.31 -8.66 10.35
CA ASN A 96 9.51 -10.07 10.05
C ASN A 96 10.57 -10.21 8.95
N VAL A 97 11.32 -11.30 9.03
CA VAL A 97 12.37 -11.60 8.08
C VAL A 97 12.25 -13.06 7.66
N TRP A 98 12.08 -13.30 6.37
CA TRP A 98 12.11 -14.66 5.84
C TRP A 98 13.40 -14.81 5.05
N ILE A 99 14.26 -15.73 5.47
CA ILE A 99 15.50 -15.96 4.74
C ILE A 99 15.52 -17.41 4.24
N PRO A 100 16.10 -17.66 3.07
CA PRO A 100 16.11 -19.01 2.52
C PRO A 100 17.05 -19.91 3.32
N ALA A 101 16.71 -21.18 3.35
CA ALA A 101 17.54 -22.18 3.98
C ALA A 101 18.04 -23.13 2.90
N PRO A 102 19.34 -23.38 2.80
CA PRO A 102 20.38 -22.80 3.68
C PRO A 102 20.62 -21.32 3.45
N LYS A 103 21.09 -20.66 4.51
CA LYS A 103 21.42 -19.25 4.57
C LYS A 103 22.11 -18.86 3.28
N PRO A 104 21.74 -17.74 2.65
CA PRO A 104 22.41 -17.32 1.41
C PRO A 104 23.67 -16.54 1.75
N LYS A 105 24.45 -16.25 0.71
CA LYS A 105 25.68 -15.50 0.89
C LYS A 105 25.38 -14.00 0.98
N ASN A 106 24.79 -13.41 -0.06
CA ASN A 106 24.08 -12.15 0.16
C ASN A 106 23.02 -11.91 -0.90
N ALA A 107 21.76 -12.10 -0.48
CA ALA A 107 20.57 -12.13 -1.34
C ALA A 107 19.92 -10.76 -1.43
N THR A 108 19.31 -10.52 -2.59
CA THR A 108 18.38 -9.39 -2.74
C THR A 108 17.34 -9.45 -1.65
N VAL A 109 17.06 -8.30 -1.05
CA VAL A 109 16.06 -8.18 0.00
C VAL A 109 14.85 -7.44 -0.55
N LEU A 110 13.67 -8.02 -0.32
N LEU A 110 13.68 -8.02 -0.34
CA LEU A 110 12.41 -7.41 -0.72
CA LEU A 110 12.42 -7.41 -0.71
C LEU A 110 11.68 -6.96 0.54
C LEU A 110 11.72 -6.95 0.56
N ILE A 111 11.36 -5.68 0.61
CA ILE A 111 10.76 -5.08 1.79
C ILE A 111 9.32 -4.69 1.47
N TRP A 112 8.38 -5.33 2.18
CA TRP A 112 6.96 -5.13 1.93
C TRP A 112 6.37 -4.10 2.88
N ILE A 113 5.58 -3.18 2.33
CA ILE A 113 4.91 -2.12 3.08
C ILE A 113 3.43 -2.25 2.75
N TYR A 114 2.63 -2.74 3.72
CA TYR A 114 1.20 -2.98 3.49
C TYR A 114 0.42 -1.66 3.34
N GLY A 115 -0.67 -1.71 2.59
CA GLY A 115 -1.60 -0.61 2.50
C GLY A 115 -2.75 -0.77 3.48
N GLY A 116 -3.78 0.05 3.26
CA GLY A 116 -4.90 0.11 4.17
C GLY A 116 -5.31 1.54 4.48
N GLY A 117 -5.20 2.42 3.48
CA GLY A 117 -5.61 3.80 3.65
C GLY A 117 -4.79 4.59 4.65
N PHE A 118 -3.67 4.07 5.16
CA PHE A 118 -2.89 4.63 6.27
C PHE A 118 -3.64 4.55 7.59
N GLN A 119 -4.80 3.92 7.61
CA GLN A 119 -5.60 3.78 8.81
C GLN A 119 -5.58 2.37 9.36
N THR A 120 -5.29 1.36 8.53
CA THR A 120 -5.42 -0.04 8.88
C THR A 120 -4.28 -0.82 8.24
N GLY A 121 -4.15 -2.10 8.64
CA GLY A 121 -3.19 -2.98 8.03
C GLY A 121 -2.24 -3.63 9.00
N THR A 122 -1.67 -4.78 8.61
CA THR A 122 -0.66 -5.41 9.45
C THR A 122 0.14 -6.37 8.59
N SER A 123 1.41 -6.51 8.94
CA SER A 123 2.30 -7.38 8.19
C SER A 123 1.97 -8.84 8.41
N SER A 124 1.25 -9.16 9.49
CA SER A 124 0.89 -10.53 9.85
C SER A 124 -0.03 -11.20 8.81
N LEU A 125 -0.59 -10.47 7.86
CA LEU A 125 -1.69 -11.02 7.07
C LEU A 125 -1.24 -12.19 6.20
N HIS A 126 -2.17 -13.12 6.01
CA HIS A 126 -1.92 -14.37 5.28
C HIS A 126 -1.41 -14.10 3.87
N VAL A 127 -1.90 -13.02 3.23
CA VAL A 127 -1.50 -12.74 1.85
C VAL A 127 -0.19 -11.98 1.78
N TYR A 128 0.43 -11.65 2.92
CA TYR A 128 1.76 -11.04 2.96
C TYR A 128 2.84 -12.01 3.43
N ASP A 129 2.54 -13.31 3.43
CA ASP A 129 3.51 -14.33 3.82
C ASP A 129 4.68 -14.37 2.83
N GLY A 130 5.87 -14.03 3.30
CA GLY A 130 7.02 -14.07 2.43
C GLY A 130 7.72 -15.40 2.32
N LYS A 131 7.25 -16.43 3.01
CA LYS A 131 7.98 -17.70 3.00
C LYS A 131 8.02 -18.31 1.60
N PHE A 132 6.99 -18.11 0.78
CA PHE A 132 7.08 -18.62 -0.58
C PHE A 132 8.18 -17.92 -1.38
N LEU A 133 8.29 -16.59 -1.24
CA LEU A 133 9.31 -15.86 -1.98
C LEU A 133 10.72 -16.26 -1.54
N ALA A 134 10.92 -16.39 -0.23
CA ALA A 134 12.22 -16.82 0.28
C ALA A 134 12.58 -18.19 -0.30
N ARG A 135 11.59 -19.07 -0.41
CA ARG A 135 11.83 -20.42 -0.87
C ARG A 135 12.12 -20.47 -2.36
N VAL A 136 11.22 -19.91 -3.16
CA VAL A 136 11.17 -20.14 -4.60
C VAL A 136 12.20 -19.31 -5.35
N GLU A 137 12.63 -18.17 -4.80
CA GLU A 137 13.56 -17.27 -5.48
C GLU A 137 14.78 -16.92 -4.65
N ARG A 138 14.88 -17.42 -3.43
CA ARG A 138 16.04 -17.18 -2.56
C ARG A 138 16.31 -15.69 -2.35
N VAL A 139 15.26 -14.88 -2.34
CA VAL A 139 15.34 -13.52 -1.81
C VAL A 139 14.97 -13.56 -0.34
N ILE A 140 15.48 -12.60 0.41
CA ILE A 140 15.03 -12.38 1.77
C ILE A 140 13.88 -11.39 1.74
N VAL A 141 12.77 -11.75 2.38
CA VAL A 141 11.58 -10.90 2.44
C VAL A 141 11.52 -10.28 3.83
N VAL A 142 11.36 -8.98 3.87
CA VAL A 142 11.15 -8.25 5.11
C VAL A 142 9.85 -7.48 5.02
N SER A 143 9.06 -7.53 6.10
CA SER A 143 7.87 -6.72 6.25
C SER A 143 7.86 -6.11 7.66
N MET A 144 7.24 -4.95 7.79
CA MET A 144 7.19 -4.25 9.06
C MET A 144 5.79 -3.76 9.40
N ASN A 145 5.54 -3.65 10.70
CA ASN A 145 4.36 -3.02 11.23
C ASN A 145 4.67 -1.56 11.50
N TYR A 146 3.80 -0.68 11.04
CA TYR A 146 4.00 0.74 11.22
C TYR A 146 2.68 1.34 11.67
N ARG A 147 2.77 2.36 12.51
CA ARG A 147 1.60 2.97 13.15
C ARG A 147 0.69 3.62 12.13
N VAL A 148 -0.61 3.36 12.26
CA VAL A 148 -1.60 3.84 11.31
C VAL A 148 -2.62 4.74 12.00
N GLY A 149 -3.47 5.35 11.17
CA GLY A 149 -4.48 6.28 11.59
C GLY A 149 -3.88 7.41 12.41
N ALA A 150 -4.66 7.89 13.38
CA ALA A 150 -4.24 9.05 14.15
C ALA A 150 -2.94 8.79 14.89
N LEU A 151 -2.76 7.59 15.45
CA LEU A 151 -1.58 7.36 16.26
C LEU A 151 -0.32 7.37 15.43
N GLY A 152 -0.45 7.19 14.11
CA GLY A 152 0.66 7.21 13.18
C GLY A 152 0.81 8.50 12.38
N PHE A 153 -0.25 9.30 12.24
CA PHE A 153 -0.20 10.43 11.31
C PHE A 153 -0.89 11.68 11.80
N LEU A 154 -1.39 11.70 13.05
CA LEU A 154 -1.90 12.94 13.60
C LEU A 154 -0.83 14.03 13.58
N ALA A 155 -1.21 15.23 13.16
CA ALA A 155 -0.21 16.27 12.87
C ALA A 155 -0.65 17.64 13.36
N LEU A 156 0.16 18.24 14.23
CA LEU A 156 0.23 19.69 14.37
C LEU A 156 1.56 20.10 13.78
N PRO A 157 1.62 20.41 12.49
CA PRO A 157 2.92 20.55 11.82
C PRO A 157 3.81 21.56 12.53
N GLY A 158 5.07 21.19 12.74
CA GLY A 158 5.96 22.01 13.53
C GLY A 158 6.19 21.47 14.93
N ASN A 159 5.11 21.13 15.62
CA ASN A 159 5.17 20.66 17.00
C ASN A 159 5.77 19.26 17.06
N PRO A 160 6.91 19.05 17.73
CA PRO A 160 7.52 17.70 17.80
C PRO A 160 6.74 16.71 18.65
N GLU A 161 5.78 17.16 19.47
CA GLU A 161 4.94 16.23 20.18
C GLU A 161 4.03 15.48 19.24
N ALA A 162 3.64 16.10 18.12
CA ALA A 162 2.88 15.44 17.07
C ALA A 162 3.24 16.08 15.73
N PRO A 163 4.41 15.72 15.17
CA PRO A 163 4.88 16.37 13.94
C PRO A 163 4.20 15.89 12.66
N GLY A 164 3.54 14.74 12.70
CA GLY A 164 3.01 14.07 11.52
C GLY A 164 3.98 13.02 11.01
N ASN A 165 3.46 12.14 10.15
CA ASN A 165 4.25 11.17 9.39
C ASN A 165 4.96 10.14 10.27
N MET A 166 4.58 10.01 11.53
CA MET A 166 5.26 9.05 12.41
C MET A 166 5.24 7.64 11.84
N GLY A 167 4.16 7.26 11.13
CA GLY A 167 4.12 5.93 10.53
C GLY A 167 5.15 5.75 9.44
N LEU A 168 5.31 6.77 8.59
CA LEU A 168 6.38 6.79 7.61
C LEU A 168 7.74 6.70 8.29
N PHE A 169 7.94 7.45 9.39
CA PHE A 169 9.20 7.31 10.11
C PHE A 169 9.38 5.91 10.69
N ASP A 170 8.29 5.26 11.13
CA ASP A 170 8.37 3.86 11.51
C ASP A 170 8.94 3.01 10.38
N GLN A 171 8.28 3.05 9.22
CA GLN A 171 8.81 2.44 8.01
C GLN A 171 10.29 2.71 7.85
N GLN A 172 10.66 3.99 7.85
CA GLN A 172 12.02 4.36 7.54
C GLN A 172 13.01 3.78 8.55
N LEU A 173 12.61 3.73 9.82
CA LEU A 173 13.54 3.19 10.81
C LEU A 173 13.63 1.67 10.69
N ALA A 174 12.59 1.02 10.17
CA ALA A 174 12.75 -0.39 9.84
C ALA A 174 13.71 -0.55 8.68
N LEU A 175 13.58 0.30 7.65
CA LEU A 175 14.57 0.29 6.55
C LEU A 175 15.98 0.47 7.09
N GLN A 176 16.17 1.39 8.03
CA GLN A 176 17.47 1.55 8.67
C GLN A 176 17.93 0.25 9.33
N TRP A 177 17.00 -0.51 9.91
CA TRP A 177 17.34 -1.76 10.57
C TRP A 177 17.86 -2.80 9.57
N VAL A 178 17.19 -2.94 8.42
CA VAL A 178 17.69 -3.81 7.35
C VAL A 178 19.09 -3.38 6.92
N GLN A 179 19.34 -2.06 6.88
CA GLN A 179 20.67 -1.58 6.55
C GLN A 179 21.71 -2.07 7.56
N LYS A 180 21.46 -1.85 8.85
CA LYS A 180 22.44 -2.22 9.87
C LYS A 180 22.49 -3.72 10.17
N ASN A 181 21.54 -4.52 9.67
CA ASN A 181 21.42 -5.87 10.21
C ASN A 181 21.24 -7.00 9.20
N ILE A 182 20.76 -6.73 7.99
CA ILE A 182 20.39 -7.85 7.12
C ILE A 182 21.60 -8.64 6.66
N ALA A 183 22.80 -8.05 6.73
CA ALA A 183 23.99 -8.83 6.38
C ALA A 183 24.11 -10.06 7.27
N ALA A 184 23.78 -9.93 8.55
CA ALA A 184 23.86 -11.09 9.45
C ALA A 184 22.94 -12.21 9.02
N PHE A 185 21.83 -11.90 8.35
CA PHE A 185 20.92 -12.91 7.84
C PHE A 185 21.33 -13.44 6.47
N GLY A 186 22.49 -13.01 5.97
CA GLY A 186 22.87 -13.40 4.64
C GLY A 186 22.27 -12.56 3.55
N GLY A 187 21.80 -11.36 3.88
CA GLY A 187 21.22 -10.47 2.90
C GLY A 187 22.16 -9.36 2.51
N ASN A 188 21.99 -8.86 1.29
CA ASN A 188 22.83 -7.80 0.78
C ASN A 188 22.15 -6.46 1.01
N PRO A 189 22.60 -5.66 1.98
CA PRO A 189 21.97 -4.34 2.20
C PRO A 189 22.03 -3.41 1.00
N LYS A 190 22.82 -3.73 -0.01
CA LYS A 190 22.97 -2.88 -1.17
C LYS A 190 22.04 -3.27 -2.31
N SER A 191 21.17 -4.29 -2.14
CA SER A 191 20.22 -4.69 -3.18
C SER A 191 18.89 -4.92 -2.44
N VAL A 192 18.25 -3.82 -2.09
CA VAL A 192 16.99 -3.78 -1.33
C VAL A 192 15.92 -3.19 -2.24
N THR A 193 14.86 -3.96 -2.49
CA THR A 193 13.74 -3.47 -3.31
C THR A 193 12.53 -3.27 -2.41
N LEU A 194 12.08 -2.01 -2.29
CA LEU A 194 10.83 -1.76 -1.60
C LEU A 194 9.67 -2.18 -2.51
N PHE A 195 8.65 -2.82 -1.93
CA PHE A 195 7.38 -2.97 -2.61
C PHE A 195 6.23 -2.92 -1.60
N GLY A 196 5.07 -2.44 -2.07
CA GLY A 196 3.87 -2.23 -1.27
C GLY A 196 2.66 -2.08 -2.17
N GLU A 197 1.47 -2.13 -1.55
CA GLU A 197 0.23 -2.04 -2.32
C GLU A 197 -0.68 -0.95 -1.77
N SER A 198 -1.36 -0.28 -2.69
CA SER A 198 -2.19 0.92 -2.46
C SER A 198 -1.52 1.91 -1.51
N ALA A 199 -1.99 2.05 -0.26
CA ALA A 199 -1.35 3.03 0.62
C ALA A 199 0.10 2.65 0.91
N GLY A 200 0.40 1.34 0.89
CA GLY A 200 1.79 0.92 0.98
C GLY A 200 2.56 1.33 -0.26
N ALA A 201 1.94 1.20 -1.43
CA ALA A 201 2.58 1.65 -2.67
C ALA A 201 2.85 3.15 -2.63
N ALA A 202 1.88 3.94 -2.14
CA ALA A 202 2.13 5.37 -1.98
C ALA A 202 3.22 5.63 -0.95
N SER A 203 3.30 4.82 0.11
CA SER A 203 4.44 4.96 1.03
C SER A 203 5.76 4.75 0.30
N VAL A 204 5.84 3.70 -0.52
CA VAL A 204 7.07 3.42 -1.26
C VAL A 204 7.42 4.62 -2.13
N SER A 205 6.43 5.19 -2.82
CA SER A 205 6.70 6.33 -3.67
C SER A 205 7.20 7.52 -2.87
N LEU A 206 6.74 7.69 -1.63
CA LEU A 206 7.21 8.81 -0.83
C LEU A 206 8.60 8.58 -0.28
N HIS A 207 8.99 7.32 -0.09
CA HIS A 207 10.37 7.01 0.27
C HIS A 207 11.33 7.34 -0.88
N LEU A 208 10.82 7.44 -2.11
CA LEU A 208 11.61 7.96 -3.21
C LEU A 208 11.86 9.46 -3.08
N LEU A 209 10.91 10.20 -2.52
CA LEU A 209 11.11 11.63 -2.37
C LEU A 209 11.89 11.98 -1.10
N SER A 210 11.78 11.16 -0.07
CA SER A 210 12.25 11.64 1.22
C SER A 210 13.77 11.45 1.30
N PRO A 211 14.53 12.51 1.61
CA PRO A 211 15.99 12.41 1.50
C PRO A 211 16.59 11.43 2.51
N GLY A 212 16.00 11.32 3.70
CA GLY A 212 16.46 10.37 4.69
C GLY A 212 16.25 8.91 4.33
N SER A 213 15.48 8.60 3.28
CA SER A 213 15.39 7.23 2.82
C SER A 213 16.23 6.93 1.58
N HIS A 214 16.79 7.96 0.94
N HIS A 214 16.81 7.94 0.95
CA HIS A 214 17.52 7.78 -0.32
CA HIS A 214 17.47 7.72 -0.34
C HIS A 214 18.51 6.63 -0.22
C HIS A 214 18.53 6.63 -0.25
N SER A 215 19.24 6.56 0.88
CA SER A 215 20.32 5.60 1.02
C SER A 215 19.90 4.27 1.64
N LEU A 216 18.59 4.04 1.82
CA LEU A 216 18.10 2.87 2.54
C LEU A 216 17.54 1.80 1.62
N PHE A 217 17.46 2.06 0.32
CA PHE A 217 16.95 1.05 -0.61
C PHE A 217 17.47 1.33 -2.02
N THR A 218 17.31 0.34 -2.89
CA THR A 218 17.78 0.43 -4.27
C THR A 218 16.67 0.77 -5.26
N ARG A 219 15.57 0.02 -5.22
CA ARG A 219 14.57 0.02 -6.27
C ARG A 219 13.19 0.03 -5.63
N ALA A 220 12.17 0.11 -6.47
CA ALA A 220 10.83 0.37 -5.95
C ALA A 220 9.78 -0.27 -6.85
N ILE A 221 8.85 -0.97 -6.22
CA ILE A 221 7.70 -1.56 -6.89
C ILE A 221 6.44 -0.94 -6.28
N LEU A 222 5.58 -0.38 -7.14
CA LEU A 222 4.39 0.33 -6.67
C LEU A 222 3.13 -0.38 -7.16
N GLN A 223 2.42 -1.04 -6.25
CA GLN A 223 1.26 -1.85 -6.61
C GLN A 223 -0.03 -1.09 -6.26
N SER A 224 -0.72 -0.63 -7.30
CA SER A 224 -2.05 -0.02 -7.13
C SER A 224 -2.03 1.22 -6.22
N GLY A 225 -0.99 2.05 -6.32
CA GLY A 225 -0.89 3.23 -5.47
C GLY A 225 0.31 4.11 -5.72
N SER A 226 0.16 5.42 -5.52
CA SER A 226 1.27 6.35 -5.68
C SER A 226 0.93 7.65 -4.99
N PHE A 227 1.97 8.42 -4.61
CA PHE A 227 1.73 9.56 -3.72
C PHE A 227 0.90 10.67 -4.37
N ASN A 228 0.79 10.70 -5.70
CA ASN A 228 0.04 11.75 -6.37
C ASN A 228 -1.44 11.43 -6.49
N ALA A 229 -1.86 10.29 -5.94
CA ALA A 229 -3.28 9.94 -5.90
C ALA A 229 -4.03 10.89 -4.97
N PRO A 230 -5.30 11.18 -5.27
CA PRO A 230 -5.99 12.25 -4.52
C PRO A 230 -6.12 11.98 -3.02
N TRP A 231 -6.10 10.71 -2.61
CA TRP A 231 -6.25 10.33 -1.21
C TRP A 231 -4.93 10.26 -0.47
N ALA A 232 -3.80 10.50 -1.13
CA ALA A 232 -2.53 10.14 -0.52
C ALA A 232 -2.01 11.16 0.49
N VAL A 233 -2.20 12.46 0.25
CA VAL A 233 -1.65 13.50 1.09
C VAL A 233 -2.80 14.30 1.70
N THR A 234 -2.79 14.42 3.02
CA THR A 234 -3.74 15.29 3.65
C THR A 234 -3.08 16.68 3.80
N SER A 235 -3.79 17.73 3.35
CA SER A 235 -3.25 19.08 3.39
C SER A 235 -2.99 19.55 4.82
N LEU A 236 -2.08 20.51 4.93
CA LEU A 236 -1.80 21.10 6.23
C LEU A 236 -3.04 21.74 6.84
N TYR A 237 -3.91 22.33 6.00
CA TYR A 237 -5.22 22.77 6.49
C TYR A 237 -6.02 21.59 7.04
N GLU A 238 -6.25 20.58 6.19
CA GLU A 238 -7.03 19.42 6.63
C GLU A 238 -6.40 18.80 7.86
N ALA A 239 -5.07 18.63 7.86
CA ALA A 239 -4.43 17.96 8.98
C ALA A 239 -4.75 18.68 10.29
N ARG A 240 -4.68 20.01 10.29
CA ARG A 240 -4.98 20.74 11.52
C ARG A 240 -6.45 20.62 11.90
N ASN A 241 -7.36 20.90 10.94
CA ASN A 241 -8.79 20.79 11.23
C ASN A 241 -9.14 19.39 11.69
N ARG A 242 -8.43 18.37 11.20
CA ARG A 242 -8.71 16.99 11.60
C ARG A 242 -8.34 16.76 13.06
N THR A 243 -7.15 17.22 13.49
CA THR A 243 -6.77 16.94 14.87
C THR A 243 -7.53 17.82 15.87
N LEU A 244 -7.88 19.06 15.52
CA LEU A 244 -8.70 19.86 16.43
C LEU A 244 -10.07 19.21 16.63
N ASN A 245 -10.69 18.72 15.54
CA ASN A 245 -11.92 17.95 15.67
C ASN A 245 -11.73 16.79 16.64
N LEU A 246 -10.61 16.08 16.53
CA LEU A 246 -10.32 15.02 17.49
C LEU A 246 -10.15 15.57 18.90
N ALA A 247 -9.54 16.76 19.04
CA ALA A 247 -9.37 17.36 20.35
C ALA A 247 -10.70 17.75 20.99
N LYS A 248 -11.61 18.31 20.19
CA LYS A 248 -12.94 18.61 20.71
C LYS A 248 -13.62 17.33 21.16
N LEU A 249 -13.67 16.33 20.28
CA LEU A 249 -14.42 15.11 20.56
C LEU A 249 -13.87 14.30 21.72
N THR A 250 -12.70 14.62 22.24
CA THR A 250 -12.18 13.97 23.44
C THR A 250 -12.04 14.93 24.60
N GLY A 251 -12.59 16.15 24.48
CA GLY A 251 -12.51 17.13 25.55
C GLY A 251 -11.13 17.69 25.79
N CYS A 252 -10.21 17.45 24.86
CA CYS A 252 -8.84 17.94 24.97
C CYS A 252 -8.66 19.24 24.22
N SER A 253 -9.75 19.93 23.87
CA SER A 253 -9.61 21.25 23.28
C SER A 253 -8.95 22.19 24.29
N ARG A 254 -7.82 22.75 23.89
CA ARG A 254 -7.07 23.68 24.72
C ARG A 254 -6.63 24.85 23.85
N GLU A 255 -6.13 25.90 24.49
CA GLU A 255 -5.43 26.96 23.77
C GLU A 255 -3.99 26.54 23.46
N ASN A 256 -3.28 26.04 24.47
CA ASN A 256 -1.89 25.66 24.29
C ASN A 256 -1.82 24.38 23.47
N GLU A 257 -1.07 24.43 22.37
CA GLU A 257 -1.02 23.31 21.45
C GLU A 257 -0.44 22.07 22.12
N THR A 258 0.72 22.21 22.74
CA THR A 258 1.37 21.07 23.36
C THR A 258 0.52 20.50 24.50
N GLU A 259 -0.27 21.34 25.19
CA GLU A 259 -1.13 20.83 26.25
C GLU A 259 -2.31 20.04 25.69
N ILE A 260 -2.76 20.36 24.48
CA ILE A 260 -3.67 19.46 23.78
C ILE A 260 -3.04 18.09 23.64
N ILE A 261 -1.77 18.06 23.25
CA ILE A 261 -1.14 16.79 22.92
C ILE A 261 -1.09 15.89 24.14
N LYS A 262 -0.55 16.40 25.26
CA LYS A 262 -0.45 15.48 26.38
C LYS A 262 -1.81 15.18 26.98
N CYS A 263 -2.84 15.97 26.64
CA CYS A 263 -4.19 15.61 27.00
C CYS A 263 -4.66 14.40 26.21
N LEU A 264 -4.40 14.39 24.90
CA LEU A 264 -4.67 13.21 24.10
C LEU A 264 -3.72 12.07 24.40
N ARG A 265 -2.75 12.27 25.27
CA ARG A 265 -1.84 11.17 25.59
C ARG A 265 -2.25 10.38 26.82
N ASN A 266 -3.12 10.93 27.66
CA ASN A 266 -3.73 10.14 28.73
C ASN A 266 -5.05 9.52 28.32
N LYS A 267 -5.57 9.89 27.16
CA LYS A 267 -6.66 9.13 26.59
C LYS A 267 -6.17 7.74 26.18
N ASP A 268 -7.09 6.80 26.14
CA ASP A 268 -6.69 5.43 25.84
C ASP A 268 -6.82 5.13 24.36
N PRO A 269 -6.12 4.10 23.87
CA PRO A 269 -6.20 3.78 22.45
C PRO A 269 -7.63 3.66 21.95
N GLN A 270 -8.53 3.11 22.77
CA GLN A 270 -9.90 2.87 22.34
C GLN A 270 -10.62 4.17 22.08
N GLU A 271 -10.54 5.13 23.02
CA GLU A 271 -11.26 6.37 22.81
C GLU A 271 -10.68 7.19 21.66
N ILE A 272 -9.35 7.12 21.46
CA ILE A 272 -8.74 7.78 20.30
C ILE A 272 -9.22 7.11 19.03
N LEU A 273 -9.19 5.77 19.02
CA LEU A 273 -9.62 5.03 17.84
C LEU A 273 -11.05 5.36 17.44
N LEU A 274 -11.92 5.59 18.43
CA LEU A 274 -13.35 5.71 18.12
C LEU A 274 -13.74 7.10 17.65
N ASN A 275 -12.99 8.12 18.04
CA ASN A 275 -13.29 9.46 17.55
C ASN A 275 -12.66 9.76 16.18
N GLU A 276 -11.65 8.98 15.76
CA GLU A 276 -10.98 9.17 14.48
C GLU A 276 -11.94 9.18 13.28
N ALA A 277 -13.04 8.42 13.35
CA ALA A 277 -13.93 8.29 12.19
C ALA A 277 -14.74 9.56 11.96
N PHE A 278 -15.05 10.27 13.03
CA PHE A 278 -15.90 11.44 12.90
C PHE A 278 -15.13 12.70 12.51
N VAL A 279 -13.79 12.64 12.41
CA VAL A 279 -13.03 13.85 12.13
C VAL A 279 -13.08 14.25 10.66
N VAL A 280 -13.34 13.30 9.75
CA VAL A 280 -13.39 13.63 8.33
C VAL A 280 -14.67 14.38 8.02
N PRO A 281 -14.60 15.65 7.61
CA PRO A 281 -15.81 16.48 7.43
C PRO A 281 -16.88 15.82 6.57
N TYR A 282 -16.53 15.40 5.35
CA TYR A 282 -17.40 14.50 4.60
C TYR A 282 -16.55 13.33 4.13
N GLY A 283 -16.68 12.21 4.84
CA GLY A 283 -15.90 11.04 4.51
C GLY A 283 -16.39 10.34 3.27
N THR A 284 -15.51 9.53 2.70
CA THR A 284 -15.83 8.64 1.60
C THR A 284 -15.17 7.30 1.89
N PRO A 285 -15.60 6.23 1.23
CA PRO A 285 -14.84 4.97 1.31
C PRO A 285 -13.33 5.15 1.12
N LEU A 286 -12.91 6.23 0.44
CA LEU A 286 -11.52 6.50 0.12
C LEU A 286 -10.87 7.50 1.06
N SER A 287 -11.53 7.89 2.14
CA SER A 287 -11.02 8.96 2.99
C SER A 287 -9.85 8.50 3.84
N VAL A 288 -8.84 9.35 3.96
CA VAL A 288 -7.70 9.10 4.83
C VAL A 288 -7.90 10.02 6.03
N ASN A 289 -8.36 9.43 7.14
CA ASN A 289 -8.64 10.23 8.32
C ASN A 289 -7.41 11.01 8.76
N PHE A 290 -6.27 10.33 8.84
CA PHE A 290 -5.02 10.87 9.35
C PHE A 290 -3.92 10.25 8.50
N GLY A 291 -3.27 11.07 7.68
CA GLY A 291 -2.33 10.53 6.72
C GLY A 291 -1.06 11.31 6.53
N PRO A 292 -0.36 11.01 5.44
CA PRO A 292 0.87 11.74 5.13
C PRO A 292 0.62 13.25 5.01
N THR A 293 1.51 14.02 5.60
CA THR A 293 1.51 15.47 5.45
C THR A 293 2.90 15.95 5.03
N VAL A 294 2.95 17.14 4.43
CA VAL A 294 4.23 17.81 4.24
C VAL A 294 4.67 18.35 5.60
N ASP A 295 5.45 17.55 6.32
CA ASP A 295 5.90 17.88 7.66
C ASP A 295 7.19 18.68 7.69
N GLY A 296 7.86 18.87 6.55
CA GLY A 296 9.17 19.49 6.57
C GLY A 296 10.31 18.63 7.06
N ASP A 297 10.05 17.40 7.52
CA ASP A 297 11.09 16.50 8.00
C ASP A 297 11.19 15.29 7.07
N PHE A 298 10.19 14.42 7.08
CA PHE A 298 10.15 13.35 6.09
C PHE A 298 9.91 13.90 4.70
N LEU A 299 9.16 14.98 4.60
CA LEU A 299 8.65 15.47 3.33
C LEU A 299 8.88 16.97 3.34
N THR A 300 9.82 17.45 2.52
CA THR A 300 10.29 18.82 2.63
C THR A 300 9.51 19.81 1.77
N ASP A 301 8.70 19.34 0.84
CA ASP A 301 7.88 20.19 -0.02
C ASP A 301 6.67 19.37 -0.43
N MET A 302 5.79 19.98 -1.21
CA MET A 302 4.60 19.26 -1.70
C MET A 302 5.00 18.24 -2.74
N PRO A 303 4.68 16.96 -2.53
CA PRO A 303 5.23 15.92 -3.40
C PRO A 303 4.98 16.15 -4.90
N ASP A 304 3.86 16.73 -5.29
CA ASP A 304 3.62 16.95 -6.72
C ASP A 304 4.62 17.92 -7.34
N ILE A 305 5.25 18.79 -6.53
CA ILE A 305 6.31 19.64 -7.05
C ILE A 305 7.64 18.90 -7.08
N LEU A 306 7.95 18.13 -6.03
CA LEU A 306 9.13 17.29 -6.07
C LEU A 306 9.10 16.34 -7.28
N LEU A 307 7.94 15.73 -7.54
CA LEU A 307 7.78 14.91 -8.75
C LEU A 307 7.97 15.75 -10.00
N GLU A 308 7.25 16.87 -10.12
CA GLU A 308 7.27 17.67 -11.34
C GLU A 308 8.67 18.20 -11.68
N LEU A 309 9.51 18.47 -10.68
CA LEU A 309 10.83 19.04 -10.93
C LEU A 309 11.98 18.08 -10.61
N GLY A 310 11.71 16.76 -10.62
CA GLY A 310 12.77 15.77 -10.62
C GLY A 310 13.47 15.58 -9.30
N GLN A 311 12.82 15.91 -8.18
CA GLN A 311 13.45 15.85 -6.86
C GLN A 311 13.10 14.52 -6.19
N PHE A 312 13.76 13.45 -6.67
CA PHE A 312 13.50 12.12 -6.14
C PHE A 312 14.67 11.19 -6.43
N LYS A 313 14.68 10.06 -5.74
CA LYS A 313 15.75 9.09 -5.90
C LYS A 313 15.70 8.50 -7.32
N LYS A 314 16.86 8.51 -7.99
CA LYS A 314 16.97 8.05 -9.38
C LYS A 314 17.30 6.56 -9.38
N THR A 315 16.40 5.76 -9.96
CA THR A 315 16.49 4.31 -9.93
C THR A 315 15.32 3.78 -10.75
N GLN A 316 15.18 2.47 -10.79
CA GLN A 316 14.13 1.86 -11.60
C GLN A 316 12.88 1.70 -10.77
N ILE A 317 11.72 1.88 -11.41
CA ILE A 317 10.44 1.61 -10.77
C ILE A 317 9.69 0.57 -11.59
N LEU A 318 8.96 -0.28 -10.87
CA LEU A 318 7.96 -1.17 -11.43
C LEU A 318 6.63 -0.72 -10.85
N VAL A 319 5.68 -0.37 -11.71
CA VAL A 319 4.43 0.28 -11.33
C VAL A 319 3.30 -0.42 -12.05
N GLY A 320 2.16 -0.55 -11.39
CA GLY A 320 1.03 -1.16 -12.07
C GLY A 320 -0.25 -1.01 -11.29
N VAL A 321 -1.34 -1.40 -11.95
CA VAL A 321 -2.69 -1.29 -11.42
C VAL A 321 -3.50 -2.46 -11.91
N ASN A 322 -4.61 -2.73 -11.24
CA ASN A 322 -5.58 -3.76 -11.57
C ASN A 322 -6.76 -3.18 -12.35
N LYS A 323 -7.39 -4.07 -13.13
CA LYS A 323 -8.41 -3.66 -14.08
C LYS A 323 -9.65 -3.07 -13.41
N ASP A 324 -10.02 -3.54 -12.20
CA ASP A 324 -11.23 -3.02 -11.56
C ASP A 324 -10.90 -2.45 -10.19
N GLU A 325 -9.91 -1.56 -10.14
CA GLU A 325 -9.47 -0.89 -8.92
C GLU A 325 -10.63 -0.34 -8.11
N GLY A 326 -11.69 0.14 -8.77
CA GLY A 326 -12.65 0.97 -8.09
C GLY A 326 -13.85 0.26 -7.50
N THR A 327 -14.09 -1.01 -7.86
CA THR A 327 -15.35 -1.65 -7.51
C THR A 327 -15.42 -1.99 -6.02
N ALA A 328 -14.30 -2.33 -5.39
CA ALA A 328 -14.31 -2.67 -3.96
C ALA A 328 -14.96 -1.57 -3.13
N PHE A 329 -14.75 -0.32 -3.51
CA PHE A 329 -15.27 0.79 -2.72
C PHE A 329 -16.74 1.04 -2.98
N LEU A 330 -17.29 0.53 -4.08
CA LEU A 330 -18.67 0.86 -4.43
C LEU A 330 -19.65 0.27 -3.40
N VAL A 331 -19.31 -0.84 -2.76
CA VAL A 331 -20.27 -1.47 -1.86
C VAL A 331 -20.06 -0.99 -0.44
N TYR A 332 -19.25 0.06 -0.25
CA TYR A 332 -19.04 0.65 1.06
C TYR A 332 -19.78 1.98 1.24
N GLY A 333 -20.86 2.20 0.48
CA GLY A 333 -21.56 3.46 0.60
C GLY A 333 -22.43 3.83 -0.59
N ALA A 334 -22.05 3.42 -1.79
CA ALA A 334 -22.78 3.85 -2.97
C ALA A 334 -24.15 3.18 -3.03
N PRO A 335 -25.20 3.93 -3.36
CA PRO A 335 -26.56 3.39 -3.34
C PRO A 335 -26.87 2.45 -4.51
N GLY A 336 -27.68 1.43 -4.22
CA GLY A 336 -28.04 0.43 -5.20
C GLY A 336 -27.02 -0.67 -5.38
N PHE A 337 -25.91 -0.60 -4.67
CA PHE A 337 -24.80 -1.53 -4.82
C PHE A 337 -24.83 -2.58 -3.72
N SER A 338 -24.30 -3.76 -4.02
CA SER A 338 -24.39 -4.86 -3.08
C SER A 338 -23.43 -5.97 -3.50
N LYS A 339 -22.68 -6.52 -2.55
CA LYS A 339 -21.90 -7.71 -2.89
C LYS A 339 -22.76 -8.95 -3.10
N ASP A 340 -24.08 -8.86 -2.85
CA ASP A 340 -24.96 -10.02 -2.82
C ASP A 340 -25.99 -10.06 -3.94
N ASN A 341 -26.16 -8.98 -4.70
CA ASN A 341 -26.85 -8.96 -5.98
C ASN A 341 -25.92 -8.31 -7.00
N ASN A 342 -26.34 -8.25 -8.26
CA ASN A 342 -25.48 -7.75 -9.33
C ASN A 342 -25.51 -6.22 -9.49
N SER A 343 -26.12 -5.50 -8.55
CA SER A 343 -25.99 -4.05 -8.42
C SER A 343 -26.16 -3.29 -9.74
N ILE A 344 -27.13 -3.70 -10.56
CA ILE A 344 -27.54 -2.86 -11.66
C ILE A 344 -28.18 -1.60 -11.10
N ILE A 345 -27.66 -0.44 -11.51
CA ILE A 345 -28.15 0.83 -11.02
C ILE A 345 -28.64 1.64 -12.20
N THR A 346 -29.42 2.65 -11.89
CA THR A 346 -30.03 3.53 -12.87
C THR A 346 -29.19 4.79 -13.02
N ARG A 347 -29.62 5.65 -13.95
CA ARG A 347 -28.96 6.94 -14.12
C ARG A 347 -29.00 7.76 -12.83
N LYS A 348 -30.10 7.70 -12.10
CA LYS A 348 -30.25 8.52 -10.91
C LYS A 348 -29.45 7.97 -9.72
N GLU A 349 -29.26 6.64 -9.66
CA GLU A 349 -28.40 6.07 -8.63
C GLU A 349 -26.94 6.39 -8.89
N PHE A 350 -26.50 6.29 -10.15
CA PHE A 350 -25.16 6.74 -10.53
C PHE A 350 -24.91 8.17 -10.08
N GLN A 351 -25.83 9.10 -10.43
CA GLN A 351 -25.70 10.49 -10.02
C GLN A 351 -25.55 10.59 -8.51
N GLU A 352 -26.37 9.83 -7.78
CA GLU A 352 -26.29 9.82 -6.33
C GLU A 352 -24.96 9.23 -5.86
N GLY A 353 -24.37 8.33 -6.65
CA GLY A 353 -23.07 7.78 -6.30
C GLY A 353 -21.94 8.78 -6.45
N LEU A 354 -22.01 9.64 -7.47
CA LEU A 354 -20.99 10.68 -7.60
C LEU A 354 -21.00 11.60 -6.38
N LYS A 355 -22.19 11.95 -5.89
CA LYS A 355 -22.26 12.80 -4.70
C LYS A 355 -21.61 12.12 -3.50
N ILE A 356 -21.61 10.78 -3.49
CA ILE A 356 -21.03 10.03 -2.38
C ILE A 356 -19.51 9.91 -2.50
N PHE A 357 -18.98 9.84 -3.71
CA PHE A 357 -17.54 9.78 -3.87
C PHE A 357 -16.89 11.14 -4.08
N PHE A 358 -17.65 12.17 -4.43
CA PHE A 358 -17.10 13.50 -4.69
C PHE A 358 -17.85 14.56 -3.86
N PRO A 359 -17.91 14.37 -2.54
CA PRO A 359 -18.88 15.14 -1.74
C PRO A 359 -18.72 16.64 -1.83
N GLY A 360 -17.51 17.14 -1.65
CA GLY A 360 -17.30 18.57 -1.71
C GLY A 360 -16.94 19.07 -3.09
N VAL A 361 -17.33 18.33 -4.13
CA VAL A 361 -17.01 18.72 -5.49
C VAL A 361 -18.22 19.45 -6.06
N SER A 362 -17.93 20.44 -6.91
CA SER A 362 -18.93 21.27 -7.58
C SER A 362 -20.03 20.46 -8.25
N GLU A 363 -21.22 21.05 -8.29
CA GLU A 363 -22.32 20.49 -9.08
C GLU A 363 -21.91 20.33 -10.54
N PHE A 364 -21.15 21.29 -11.05
CA PHE A 364 -20.68 21.25 -12.44
C PHE A 364 -19.54 20.25 -12.58
N GLY A 365 -18.69 20.15 -11.56
CA GLY A 365 -17.69 19.09 -11.55
C GLY A 365 -18.30 17.70 -11.64
N LYS A 366 -19.34 17.45 -10.83
CA LYS A 366 -20.00 16.14 -10.88
C LYS A 366 -20.67 15.92 -12.22
N GLU A 367 -21.27 16.97 -12.78
CA GLU A 367 -21.86 16.84 -14.11
C GLU A 367 -20.79 16.53 -15.15
N SER A 368 -19.58 17.07 -14.96
CA SER A 368 -18.49 16.76 -15.89
C SER A 368 -18.09 15.29 -15.84
N ILE A 369 -18.04 14.71 -14.63
CA ILE A 369 -17.79 13.28 -14.53
C ILE A 369 -18.89 12.52 -15.26
N LEU A 370 -20.14 12.90 -15.03
CA LEU A 370 -21.24 12.20 -15.69
C LEU A 370 -21.10 12.31 -17.20
N PHE A 371 -20.69 13.46 -17.69
CA PHE A 371 -20.58 13.68 -19.13
C PHE A 371 -19.55 12.75 -19.76
N HIS A 372 -18.32 12.73 -19.23
CA HIS A 372 -17.26 11.94 -19.83
CA HIS A 372 -17.29 11.95 -19.88
C HIS A 372 -17.52 10.44 -19.71
N TYR A 373 -18.21 10.02 -18.67
CA TYR A 373 -18.39 8.60 -18.42
C TYR A 373 -19.77 8.06 -18.78
N THR A 374 -20.72 8.89 -19.21
CA THR A 374 -22.06 8.40 -19.54
C THR A 374 -22.32 8.33 -21.04
N ASP A 375 -21.29 8.54 -21.86
CA ASP A 375 -21.46 8.45 -23.31
C ASP A 375 -21.26 7.01 -23.73
N TRP A 376 -22.31 6.21 -23.53
CA TRP A 376 -22.25 4.80 -23.85
C TRP A 376 -22.04 4.58 -25.35
N VAL A 377 -21.27 3.55 -25.68
CA VAL A 377 -21.37 2.95 -27.00
C VAL A 377 -22.84 2.64 -27.28
N ASP A 378 -23.64 2.38 -26.22
CA ASP A 378 -24.99 1.83 -26.40
C ASP A 378 -25.91 1.90 -25.18
N ASP A 379 -27.22 2.03 -25.48
CA ASP A 379 -28.21 2.61 -24.56
C ASP A 379 -28.61 1.66 -23.46
N GLN A 380 -29.07 0.46 -23.84
CA GLN A 380 -29.93 -0.35 -23.01
C GLN A 380 -29.20 -1.33 -22.13
N ARG A 381 -27.92 -1.65 -22.43
CA ARG A 381 -27.04 -2.37 -21.53
C ARG A 381 -27.22 -1.82 -20.10
N PRO A 382 -27.96 -2.51 -19.22
CA PRO A 382 -28.28 -1.92 -17.88
C PRO A 382 -27.09 -1.88 -16.92
N GLU A 383 -26.03 -2.66 -17.17
CA GLU A 383 -24.79 -2.59 -16.41
C GLU A 383 -24.06 -1.28 -16.61
N ASN A 384 -24.47 -0.47 -17.61
CA ASN A 384 -23.71 0.73 -17.97
C ASN A 384 -23.43 1.60 -16.76
N TYR A 385 -24.46 1.94 -15.98
CA TYR A 385 -24.22 2.83 -14.85
C TYR A 385 -23.41 2.14 -13.75
N ARG A 386 -23.61 0.84 -13.55
CA ARG A 386 -22.83 0.12 -12.55
C ARG A 386 -21.35 0.07 -12.93
N GLU A 387 -21.04 -0.28 -14.17
CA GLU A 387 -19.65 -0.32 -14.59
C GLU A 387 -19.02 1.06 -14.61
N ALA A 388 -19.82 2.09 -14.92
CA ALA A 388 -19.29 3.44 -15.04
C ALA A 388 -18.80 3.97 -13.70
N LEU A 389 -19.58 3.74 -12.62
CA LEU A 389 -19.16 4.31 -11.36
C LEU A 389 -17.90 3.61 -10.82
N GLY A 390 -17.76 2.30 -11.09
CA GLY A 390 -16.50 1.62 -10.79
C GLY A 390 -15.31 2.19 -11.55
N ASP A 391 -15.47 2.39 -12.87
CA ASP A 391 -14.40 3.01 -13.65
C ASP A 391 -14.07 4.41 -13.13
N VAL A 392 -15.09 5.22 -12.84
CA VAL A 392 -14.86 6.57 -12.36
C VAL A 392 -14.00 6.54 -11.09
N VAL A 393 -14.38 5.69 -10.13
CA VAL A 393 -13.63 5.67 -8.88
C VAL A 393 -12.24 5.06 -9.08
N GLY A 394 -12.16 4.01 -9.90
CA GLY A 394 -10.87 3.42 -10.20
C GLY A 394 -9.96 4.37 -10.97
N ASP A 395 -10.45 4.89 -12.09
CA ASP A 395 -9.62 5.76 -12.92
C ASP A 395 -9.15 6.99 -12.15
N TYR A 396 -10.02 7.54 -11.32
CA TYR A 396 -9.67 8.77 -10.63
C TYR A 396 -8.73 8.51 -9.46
N ASN A 397 -8.90 7.39 -8.77
CA ASN A 397 -8.18 7.19 -7.51
C ASN A 397 -6.88 6.40 -7.66
N PHE A 398 -6.75 5.59 -8.72
CA PHE A 398 -5.59 4.71 -8.77
C PHE A 398 -4.91 4.69 -10.12
N ILE A 399 -5.65 4.35 -11.18
CA ILE A 399 -5.02 4.02 -12.46
C ILE A 399 -4.30 5.24 -13.03
N CYS A 400 -4.89 6.40 -12.88
CA CYS A 400 -4.39 7.61 -13.53
C CYS A 400 -3.36 8.37 -12.72
N PRO A 401 -3.45 8.42 -11.39
CA PRO A 401 -2.26 8.84 -10.63
C PRO A 401 -1.07 7.93 -10.89
N ALA A 402 -1.28 6.60 -10.98
CA ALA A 402 -0.16 5.69 -11.23
C ALA A 402 0.47 5.95 -12.60
N LEU A 403 -0.35 6.05 -13.64
CA LEU A 403 0.17 6.36 -14.96
C LEU A 403 0.88 7.70 -14.96
N GLU A 404 0.30 8.69 -14.30
CA GLU A 404 0.93 10.00 -14.28
C GLU A 404 2.23 9.96 -13.50
N PHE A 405 2.26 9.25 -12.38
CA PHE A 405 3.51 9.09 -11.66
C PHE A 405 4.58 8.47 -12.56
N THR A 406 4.21 7.46 -13.36
CA THR A 406 5.21 6.75 -14.15
C THR A 406 5.71 7.59 -15.33
N LYS A 407 4.82 8.35 -15.97
CA LYS A 407 5.24 9.26 -17.03
C LYS A 407 6.27 10.25 -16.49
N LYS A 408 5.87 11.00 -15.45
CA LYS A 408 6.75 12.04 -14.92
C LYS A 408 8.02 11.45 -14.34
N PHE A 409 7.95 10.25 -13.76
CA PHE A 409 9.15 9.66 -13.22
C PHE A 409 10.08 9.18 -14.34
N SER A 410 9.52 8.60 -15.42
CA SER A 410 10.35 8.18 -16.53
C SER A 410 10.95 9.37 -17.28
N GLU A 411 10.30 10.53 -17.23
CA GLU A 411 10.78 11.71 -17.94
C GLU A 411 12.15 12.18 -17.46
N TRP A 412 12.65 11.64 -16.35
CA TRP A 412 13.97 11.99 -15.84
C TRP A 412 14.98 10.89 -16.10
N GLY A 413 14.77 10.11 -17.15
CA GLY A 413 15.80 9.23 -17.64
C GLY A 413 15.81 7.84 -17.07
N ASN A 414 14.91 7.52 -16.13
CA ASN A 414 14.97 6.24 -15.43
C ASN A 414 14.06 5.21 -16.07
N ASN A 415 14.47 3.95 -15.94
CA ASN A 415 13.70 2.85 -16.47
C ASN A 415 12.47 2.58 -15.60
N ALA A 416 11.32 2.43 -16.26
CA ALA A 416 10.04 2.22 -15.61
C ALA A 416 9.31 1.12 -16.35
N PHE A 417 8.60 0.29 -15.59
CA PHE A 417 7.80 -0.77 -16.18
C PHE A 417 6.40 -0.69 -15.62
N PHE A 418 5.42 -0.65 -16.51
CA PHE A 418 4.02 -0.60 -16.12
C PHE A 418 3.34 -1.90 -16.52
N TYR A 419 2.55 -2.45 -15.59
CA TYR A 419 1.72 -3.64 -15.82
C TYR A 419 0.25 -3.31 -15.58
N TYR A 420 -0.60 -4.10 -16.22
CA TYR A 420 -2.05 -4.00 -16.08
C TYR A 420 -2.53 -5.39 -15.69
N PHE A 421 -2.69 -5.61 -14.39
CA PHE A 421 -3.17 -6.91 -13.88
C PHE A 421 -4.66 -7.08 -14.15
N GLU A 422 -5.02 -8.12 -14.91
CA GLU A 422 -6.42 -8.30 -15.28
C GLU A 422 -6.88 -9.75 -15.12
N HIS A 423 -6.30 -10.50 -14.19
CA HIS A 423 -6.80 -11.82 -13.87
C HIS A 423 -7.60 -11.76 -12.56
N ARG A 424 -8.88 -12.13 -12.63
CA ARG A 424 -9.70 -12.31 -11.45
C ARG A 424 -9.40 -13.67 -10.79
N SER A 425 -8.98 -13.64 -9.52
CA SER A 425 -8.78 -14.88 -8.76
C SER A 425 -10.00 -15.77 -8.85
N SER A 426 -9.77 -17.07 -9.05
CA SER A 426 -10.86 -18.02 -9.01
C SER A 426 -11.26 -18.38 -7.60
N LYS A 427 -10.45 -18.08 -6.58
CA LYS A 427 -10.89 -18.11 -5.19
C LYS A 427 -11.34 -16.74 -4.66
N LEU A 428 -11.93 -15.87 -5.50
CA LEU A 428 -12.21 -14.50 -5.07
C LEU A 428 -13.57 -14.44 -4.38
N PRO A 429 -13.62 -14.15 -3.07
CA PRO A 429 -14.90 -14.18 -2.33
C PRO A 429 -15.95 -13.17 -2.80
N TRP A 430 -15.59 -12.12 -3.54
CA TRP A 430 -16.60 -11.15 -3.92
C TRP A 430 -17.26 -11.55 -5.25
N PRO A 431 -18.45 -11.05 -5.54
CA PRO A 431 -19.14 -11.46 -6.78
C PRO A 431 -18.37 -11.04 -8.02
N GLU A 432 -18.87 -11.51 -9.16
CA GLU A 432 -18.13 -11.34 -10.41
C GLU A 432 -18.35 -9.99 -11.08
N TRP A 433 -19.43 -9.26 -10.76
CA TRP A 433 -19.52 -7.92 -11.32
C TRP A 433 -18.40 -7.04 -10.81
N MET A 434 -17.81 -7.38 -9.65
CA MET A 434 -16.75 -6.57 -9.08
C MET A 434 -15.42 -6.73 -9.82
N GLY A 435 -15.24 -7.83 -10.56
CA GLY A 435 -14.16 -7.93 -11.52
C GLY A 435 -12.82 -8.21 -10.87
N VAL A 436 -11.77 -7.62 -11.45
CA VAL A 436 -10.37 -7.80 -11.03
C VAL A 436 -10.09 -6.74 -9.97
N MET A 437 -10.25 -7.10 -8.71
CA MET A 437 -10.48 -6.10 -7.68
C MET A 437 -9.19 -5.50 -7.12
N HIS A 438 -9.33 -4.30 -6.59
CA HIS A 438 -8.29 -3.73 -5.73
C HIS A 438 -7.83 -4.72 -4.67
N GLY A 439 -6.53 -4.97 -4.64
CA GLY A 439 -5.89 -5.71 -3.58
C GLY A 439 -5.65 -7.17 -3.88
N TYR A 440 -6.16 -7.68 -5.00
CA TYR A 440 -6.19 -9.11 -5.28
C TYR A 440 -5.21 -9.51 -6.38
N GLU A 441 -4.21 -8.66 -6.63
CA GLU A 441 -2.98 -9.14 -7.21
C GLU A 441 -2.00 -9.57 -6.13
N ILE A 442 -2.15 -9.03 -4.92
CA ILE A 442 -1.17 -9.22 -3.85
C ILE A 442 -0.81 -10.70 -3.71
N GLU A 443 -1.83 -11.56 -3.65
CA GLU A 443 -1.57 -12.99 -3.40
C GLU A 443 -0.79 -13.62 -4.53
N PHE A 444 -1.00 -13.15 -5.76
CA PHE A 444 -0.22 -13.64 -6.88
C PHE A 444 1.23 -13.20 -6.78
N VAL A 445 1.45 -11.96 -6.32
CA VAL A 445 2.81 -11.47 -6.15
C VAL A 445 3.55 -12.30 -5.11
N PHE A 446 2.84 -12.71 -4.05
CA PHE A 446 3.45 -13.46 -2.95
C PHE A 446 3.53 -14.96 -3.20
N GLY A 447 2.95 -15.45 -4.30
CA GLY A 447 3.19 -16.82 -4.71
C GLY A 447 2.27 -17.81 -4.04
N LEU A 448 1.13 -17.36 -3.53
CA LEU A 448 0.16 -18.27 -2.95
C LEU A 448 -0.39 -19.26 -3.97
N PRO A 449 -0.71 -18.86 -5.23
CA PRO A 449 -1.18 -19.88 -6.19
C PRO A 449 -0.16 -20.96 -6.49
N LEU A 450 1.04 -20.84 -5.91
CA LEU A 450 2.00 -21.94 -6.01
C LEU A 450 1.72 -23.03 -5.00
N GLU A 451 0.86 -22.78 -4.02
CA GLU A 451 0.41 -23.83 -3.12
C GLU A 451 -0.65 -24.64 -3.85
N ARG A 452 -0.24 -25.79 -4.40
CA ARG A 452 -1.17 -26.65 -5.12
C ARG A 452 -2.34 -27.07 -4.25
N ARG A 453 -2.14 -27.16 -2.94
CA ARG A 453 -3.22 -27.53 -2.02
C ARG A 453 -4.32 -26.47 -1.88
N ASP A 454 -4.03 -25.20 -2.21
CA ASP A 454 -4.96 -24.12 -1.88
C ASP A 454 -5.98 -23.86 -2.99
N GLN A 455 -6.32 -24.86 -3.81
CA GLN A 455 -7.47 -24.81 -4.72
C GLN A 455 -7.37 -23.71 -5.79
N TYR A 456 -6.19 -23.18 -6.08
CA TYR A 456 -6.04 -22.32 -7.25
C TYR A 456 -5.93 -23.18 -8.51
N THR A 457 -6.47 -22.68 -9.62
CA THR A 457 -6.30 -23.44 -10.86
C THR A 457 -4.85 -23.43 -11.30
N LYS A 458 -4.55 -24.30 -12.27
CA LYS A 458 -3.18 -24.46 -12.72
C LYS A 458 -2.72 -23.27 -13.53
N ALA A 459 -3.64 -22.64 -14.26
CA ALA A 459 -3.30 -21.39 -14.92
C ALA A 459 -2.83 -20.35 -13.90
N GLU A 460 -3.51 -20.29 -12.76
CA GLU A 460 -3.13 -19.36 -11.71
C GLU A 460 -1.72 -19.65 -11.18
N GLU A 461 -1.44 -20.91 -10.88
CA GLU A 461 -0.11 -21.28 -10.42
C GLU A 461 0.96 -20.83 -11.41
N ILE A 462 0.69 -20.99 -12.71
CA ILE A 462 1.65 -20.59 -13.73
C ILE A 462 1.86 -19.08 -13.71
N LEU A 463 0.76 -18.32 -13.70
CA LEU A 463 0.84 -16.86 -13.73
C LEU A 463 1.58 -16.32 -12.51
N SER A 464 1.27 -16.86 -11.33
CA SER A 464 1.95 -16.40 -10.12
C SER A 464 3.44 -16.68 -10.22
N ARG A 465 3.80 -17.86 -10.73
CA ARG A 465 5.20 -18.24 -10.93
C ARG A 465 5.88 -17.28 -11.87
N SER A 466 5.21 -16.89 -12.95
CA SER A 466 5.83 -15.94 -13.86
C SER A 466 5.97 -14.58 -13.18
N ILE A 467 4.89 -14.10 -12.54
CA ILE A 467 4.91 -12.83 -11.82
C ILE A 467 6.03 -12.83 -10.78
N VAL A 468 6.13 -13.92 -10.03
CA VAL A 468 7.14 -13.99 -8.97
C VAL A 468 8.54 -13.91 -9.56
N LYS A 469 8.74 -14.55 -10.72
CA LYS A 469 10.04 -14.43 -11.39
C LYS A 469 10.28 -13.00 -11.89
N ARG A 470 9.24 -12.34 -12.41
CA ARG A 470 9.44 -10.96 -12.85
C ARG A 470 9.77 -10.04 -11.67
N TRP A 471 9.10 -10.19 -10.54
CA TRP A 471 9.37 -9.29 -9.41
C TRP A 471 10.77 -9.53 -8.85
N ALA A 472 11.18 -10.79 -8.77
CA ALA A 472 12.50 -11.12 -8.24
C ALA A 472 13.58 -10.64 -9.19
N ASN A 473 13.35 -10.78 -10.50
CA ASN A 473 14.35 -10.27 -11.43
C ASN A 473 14.42 -8.76 -11.36
N PHE A 474 13.27 -8.08 -11.28
CA PHE A 474 13.33 -6.65 -11.04
C PHE A 474 14.11 -6.36 -9.76
N ALA A 475 13.77 -7.07 -8.67
CA ALA A 475 14.49 -6.84 -7.42
C ALA A 475 15.97 -7.06 -7.62
N LYS A 476 16.35 -8.24 -8.16
CA LYS A 476 17.76 -8.58 -8.30
C LYS A 476 18.45 -7.77 -9.40
N TYR A 477 17.81 -7.58 -10.55
CA TYR A 477 18.54 -7.11 -11.72
C TYR A 477 17.96 -5.82 -12.33
N GLY A 478 17.01 -5.19 -11.67
CA GLY A 478 16.39 -4.01 -12.23
C GLY A 478 15.63 -4.24 -13.52
N ASN A 479 15.36 -5.50 -13.89
CA ASN A 479 14.67 -5.79 -15.15
C ASN A 479 13.66 -6.93 -14.98
N PRO A 480 12.33 -6.68 -15.04
CA PRO A 480 11.33 -7.69 -14.67
C PRO A 480 10.95 -8.64 -15.80
N GLN A 481 11.95 -9.26 -16.42
CA GLN A 481 11.72 -10.26 -17.45
C GLN A 481 11.65 -11.64 -16.82
N GLU A 482 10.90 -12.53 -17.47
CA GLU A 482 11.04 -13.96 -17.27
C GLU A 482 11.77 -14.46 -18.51
N THR A 483 13.05 -14.78 -18.36
CA THR A 483 13.95 -15.02 -19.48
C THR A 483 13.90 -16.46 -20.01
N GLN A 484 13.73 -17.43 -19.09
CA GLN A 484 13.99 -18.82 -19.44
C GLN A 484 12.86 -19.41 -20.27
N ASN A 485 11.63 -19.29 -19.81
CA ASN A 485 10.53 -19.71 -20.65
C ASN A 485 10.19 -18.56 -21.60
N GLN A 486 9.47 -18.86 -22.67
CA GLN A 486 9.39 -17.92 -23.79
C GLN A 486 8.48 -16.72 -23.49
N SER A 487 8.68 -16.07 -22.35
CA SER A 487 7.73 -15.09 -21.85
C SER A 487 7.88 -13.78 -22.60
N THR A 488 6.75 -13.13 -22.85
CA THR A 488 6.74 -11.82 -23.50
C THR A 488 7.76 -10.90 -22.84
N SER A 489 8.52 -10.20 -23.68
CA SER A 489 9.42 -9.20 -23.14
C SER A 489 8.63 -8.01 -22.60
N TRP A 490 9.08 -7.47 -21.47
CA TRP A 490 8.38 -6.37 -20.84
C TRP A 490 9.09 -5.08 -21.24
N PRO A 491 8.52 -4.27 -22.13
CA PRO A 491 9.22 -3.07 -22.59
C PRO A 491 9.17 -1.98 -21.53
N VAL A 492 10.23 -1.15 -21.51
CA VAL A 492 10.22 -0.02 -20.60
C VAL A 492 9.15 0.98 -20.99
N PHE A 493 8.56 1.62 -19.98
CA PHE A 493 7.54 2.66 -20.19
C PHE A 493 8.22 3.99 -20.46
N LYS A 494 7.99 4.57 -21.63
CA LYS A 494 8.53 5.88 -21.99
C LYS A 494 7.38 6.84 -22.26
N SER A 495 7.68 8.14 -22.12
CA SER A 495 6.60 9.14 -22.16
C SER A 495 5.90 9.19 -23.51
N THR A 496 6.63 8.95 -24.61
CA THR A 496 5.95 9.07 -25.90
C THR A 496 4.97 7.93 -26.13
N GLU A 497 5.48 6.70 -26.03
CA GLU A 497 4.80 5.52 -26.51
C GLU A 497 3.98 4.86 -25.43
N GLN A 498 4.43 4.94 -24.18
CA GLN A 498 3.65 4.55 -23.01
C GLN A 498 3.22 3.09 -23.12
N LYS A 499 4.22 2.20 -23.25
CA LYS A 499 3.97 0.77 -23.37
C LYS A 499 3.81 0.16 -21.99
N TYR A 500 2.87 -0.79 -21.89
CA TYR A 500 2.66 -1.55 -20.66
C TYR A 500 2.39 -3.01 -20.98
N LEU A 501 2.70 -3.86 -20.01
CA LEU A 501 2.47 -5.30 -20.07
C LEU A 501 1.18 -5.66 -19.33
N THR A 502 0.34 -6.49 -19.96
CA THR A 502 -0.84 -7.01 -19.29
C THR A 502 -0.55 -8.39 -18.71
N LEU A 503 -1.01 -8.63 -17.48
CA LEU A 503 -0.74 -9.87 -16.75
C LEU A 503 -2.04 -10.63 -16.60
N ASN A 504 -2.06 -11.86 -17.06
CA ASN A 504 -3.29 -12.66 -17.02
C ASN A 504 -2.93 -14.12 -17.32
N THR A 505 -3.97 -14.95 -17.45
CA THR A 505 -3.78 -16.41 -17.56
C THR A 505 -3.38 -16.85 -18.95
N GLU A 506 -3.85 -16.13 -19.96
CA GLU A 506 -3.71 -16.45 -21.37
C GLU A 506 -2.60 -15.65 -22.00
N SER A 507 -2.90 -14.42 -22.33
CA SER A 507 -2.05 -13.53 -23.09
C SER A 507 -1.21 -12.72 -22.12
N THR A 508 0.09 -12.74 -22.29
CA THR A 508 0.88 -11.64 -21.76
C THR A 508 1.19 -10.73 -22.94
N ARG A 509 0.30 -9.76 -23.20
CA ARG A 509 0.41 -8.88 -24.37
C ARG A 509 0.90 -7.48 -23.99
N ILE A 510 1.57 -6.83 -24.97
CA ILE A 510 2.10 -5.47 -24.85
C ILE A 510 1.13 -4.51 -25.52
N MET A 511 0.67 -3.51 -24.76
N MET A 511 0.71 -3.49 -24.76
CA MET A 511 -0.28 -2.52 -25.24
CA MET A 511 -0.26 -2.51 -25.23
C MET A 511 0.29 -1.14 -24.96
C MET A 511 0.31 -1.12 -24.98
N THR A 512 -0.47 -0.10 -25.33
CA THR A 512 -0.01 1.28 -25.20
C THR A 512 -1.12 2.22 -24.72
N LYS A 513 -0.72 3.21 -23.91
CA LYS A 513 -1.56 4.36 -23.58
C LYS A 513 -2.86 3.94 -22.91
N LEU A 514 -2.70 3.22 -21.80
CA LEU A 514 -3.81 2.70 -21.01
C LEU A 514 -4.72 3.82 -20.51
N ARG A 515 -6.04 3.56 -20.55
CA ARG A 515 -7.10 4.52 -20.21
C ARG A 515 -6.74 5.96 -20.60
N ALA A 516 -6.30 6.15 -21.84
CA ALA A 516 -5.75 7.44 -22.24
C ALA A 516 -6.83 8.52 -22.26
N GLN A 517 -7.99 8.22 -22.85
CA GLN A 517 -9.04 9.24 -22.93
C GLN A 517 -9.61 9.55 -21.55
N GLN A 518 -9.82 8.52 -20.72
CA GLN A 518 -10.32 8.73 -19.37
C GLN A 518 -9.43 9.66 -18.59
N CYS A 519 -8.14 9.63 -18.86
CA CYS A 519 -7.22 10.21 -17.93
C CYS A 519 -6.60 11.50 -18.40
N ARG A 520 -6.78 11.86 -19.66
CA ARG A 520 -6.71 13.27 -19.99
C ARG A 520 -7.79 14.05 -19.24
N PHE A 521 -8.96 13.42 -19.05
CA PHE A 521 -10.01 14.05 -18.26
C PHE A 521 -9.57 14.24 -16.81
N TRP A 522 -9.24 13.17 -16.11
CA TRP A 522 -8.95 13.27 -14.68
C TRP A 522 -7.70 14.10 -14.41
N THR A 523 -6.63 13.85 -15.14
CA THR A 523 -5.37 14.45 -14.75
C THR A 523 -5.19 15.84 -15.32
N SER A 524 -6.09 16.29 -16.17
CA SER A 524 -5.86 17.56 -16.85
C SER A 524 -7.08 18.44 -17.01
N PHE A 525 -8.32 17.94 -16.93
CA PHE A 525 -9.48 18.84 -16.85
C PHE A 525 -10.04 18.89 -15.44
N PHE A 526 -10.46 17.75 -14.90
CA PHE A 526 -11.07 17.71 -13.57
C PHE A 526 -10.29 18.41 -12.45
N PRO A 527 -8.95 18.33 -12.35
CA PRO A 527 -8.27 18.91 -11.17
C PRO A 527 -8.53 20.39 -10.99
N LYS A 528 -9.15 21.05 -11.96
CA LYS A 528 -9.42 22.47 -11.87
C LYS A 528 -10.78 22.78 -11.25
N VAL A 529 -11.78 21.93 -11.46
CA VAL A 529 -13.13 22.17 -10.93
C VAL A 529 -13.12 22.26 -9.39
C1 NAG B . 12.81 -18.71 23.87
C2 NAG B . 12.38 -18.77 25.35
C3 NAG B . 13.10 -19.92 26.07
C4 NAG B . 12.91 -21.24 25.32
C5 NAG B . 13.43 -21.07 23.90
C6 NAG B . 13.31 -22.31 23.04
C7 NAG B . 11.78 -16.50 26.05
C8 NAG B . 12.24 -15.27 26.79
N2 NAG B . 12.65 -17.51 26.02
O3 NAG B . 12.60 -20.04 27.40
O4 NAG B . 13.59 -22.29 25.98
O5 NAG B . 12.68 -20.03 23.25
O6 NAG B . 12.15 -23.09 23.33
O7 NAG B . 10.68 -16.55 25.51
C1 FUC B . 12.16 -24.29 22.51
C2 FUC B . 10.67 -24.73 22.23
C3 FUC B . 10.41 -25.01 20.74
C4 FUC B . 11.55 -25.88 20.13
C5 FUC B . 12.90 -25.14 20.26
C6 FUC B . 14.09 -26.06 20.52
O2 FUC B . 9.68 -23.82 22.76
O3 FUC B . 9.16 -25.68 20.54
O4 FUC B . 11.61 -27.18 20.76
O5 FUC B . 12.91 -24.09 21.30
C1 NAG C . 27.86 -9.13 -1.44
C2 NAG C . 29.34 -9.36 -1.37
C3 NAG C . 30.03 -8.02 -1.20
C4 NAG C . 29.58 -7.07 -2.31
C5 NAG C . 28.09 -7.17 -2.70
C6 NAG C . 27.85 -6.67 -4.11
C7 NAG C . 29.74 -10.37 0.93
C8 NAG C . 29.05 -9.22 1.60
N2 NAG C . 29.81 -10.37 -0.42
O3 NAG C . 31.44 -8.17 -1.17
O4 NAG C . 29.75 -5.73 -1.87
O5 NAG C . 27.56 -8.50 -2.65
O6 NAG C . 26.54 -6.13 -4.30
O7 NAG C . 30.22 -11.29 1.58
C1 NAG C . 31.08 -5.29 -2.11
C2 NAG C . 31.09 -4.24 -3.25
C3 NAG C . 32.49 -3.65 -3.40
C4 NAG C . 33.05 -3.17 -2.07
C5 NAG C . 32.95 -4.27 -1.02
C6 NAG C . 33.36 -3.82 0.37
C7 NAG C . 29.93 -4.15 -5.42
C8 NAG C . 29.57 -4.92 -6.65
N2 NAG C . 30.65 -4.82 -4.51
O3 NAG C . 32.42 -2.54 -4.30
O4 NAG C . 34.42 -2.79 -2.21
O5 NAG C . 31.59 -4.71 -0.92
O6 NAG C . 34.53 -3.01 0.34
O7 NAG C . 29.60 -2.99 -5.26
C1 NAG D . -13.48 21.77 10.39
C2 NAG D . -14.07 22.67 11.50
C3 NAG D . -15.60 22.56 11.52
C4 NAG D . -16.20 22.81 10.14
C5 NAG D . -15.54 21.91 9.10
C6 NAG D . -15.97 22.24 7.70
C7 NAG D . -12.70 23.11 13.47
C8 NAG D . -12.22 22.59 14.80
N2 NAG D . -13.53 22.31 12.80
O3 NAG D . -16.12 23.54 12.43
O4 NAG D . -17.59 22.55 10.16
O5 NAG D . -14.11 22.08 9.13
O6 NAG D . -15.59 23.58 7.38
O7 NAG D . -12.33 24.20 13.03
C1 FUC D . -16.03 23.99 6.07
C2 FUC D . -15.64 25.49 5.92
C3 FUC D . -14.14 25.67 5.64
C4 FUC D . -13.68 24.78 4.49
C5 FUC D . -14.04 23.32 4.82
C6 FUC D . -13.66 22.34 3.73
O2 FUC D . -16.02 26.22 7.08
O3 FUC D . -13.84 27.02 5.25
O4 FUC D . -14.30 25.17 3.27
O5 FUC D . -15.48 23.17 5.04
C1 NAG E . -29.28 -4.80 -4.52
C2 NAG E . -30.58 -4.31 -5.15
C3 NAG E . -30.91 -2.89 -4.68
C4 NAG E . -30.91 -2.81 -3.16
C5 NAG E . -29.58 -3.32 -2.61
C6 NAG E . -29.53 -3.37 -1.10
C7 NAG E . -30.81 -5.43 -7.34
C8 NAG E . -30.70 -5.26 -8.82
N2 NAG E . -30.52 -4.35 -6.60
O3 NAG E . -32.19 -2.54 -5.19
O4 NAG E . -31.08 -1.45 -2.75
O5 NAG E . -29.35 -4.66 -3.09
O6 NAG E . -29.95 -4.63 -0.58
O7 NAG E . -31.13 -6.49 -6.84
C1 NAG E . -32.29 -1.12 -2.02
C2 NAG E . -32.00 0.15 -1.20
C3 NAG E . -33.28 0.68 -0.51
C4 NAG E . -34.47 0.71 -1.46
C5 NAG E . -34.62 -0.61 -2.17
C6 NAG E . -35.73 -0.63 -3.19
C7 NAG E . -29.67 0.03 -0.45
C8 NAG E . -28.75 -0.27 0.69
N2 NAG E . -30.97 -0.10 -0.21
O3 NAG E . -33.02 2.00 -0.04
O4 NAG E . -35.66 1.00 -0.73
O5 NAG E . -33.41 -0.90 -2.89
O6 NAG E . -36.22 -1.93 -3.41
O7 NAG E . -29.25 0.38 -1.55
C5 TGY E . -31.25 -5.52 2.48
C6 TGY E . -29.88 -4.98 2.06
C2 TGY E . -30.16 -5.93 -0.20
C4 TGY E . -32.20 -5.44 1.27
C1 TGY E . -29.48 -7.05 -0.98
C3 TGY E . -31.64 -6.29 0.11
O3 TGY E . -31.76 -7.67 0.42
O4 TGY E . -33.50 -5.96 1.61
O5 TGY E . -31.77 -4.84 3.63
O6 TGY E . -29.33 -5.73 1.00
C1 NAG F . 9.16 -22.66 -16.91
C2 NAG F . 8.29 -22.36 -15.68
C3 NAG F . 8.37 -23.50 -14.65
C4 NAG F . 8.00 -24.81 -15.32
C5 NAG F . 8.95 -25.06 -16.48
C6 NAG F . 8.66 -26.36 -17.22
C7 NAG F . 9.64 -20.56 -14.53
C8 NAG F . 10.82 -21.48 -14.41
N2 NAG F . 8.52 -21.05 -15.10
O3 NAG F . 7.50 -23.24 -13.55
O4 NAG F . 8.05 -25.88 -14.37
O5 NAG F . 8.86 -24.00 -17.44
O6 NAG F . 8.42 -27.44 -16.33
O7 NAG F . 9.68 -19.40 -14.10
C1 NAG G . 2.51 25.52 26.38
C2 NAG G . 3.31 26.83 26.22
C3 NAG G . 4.81 26.54 26.25
C4 NAG G . 5.19 25.69 27.47
C5 NAG G . 4.32 24.44 27.54
C6 NAG G . 4.57 23.62 28.78
C7 NAG G . 3.24 28.77 24.70
C8 NAG G . 2.77 29.28 23.37
N2 NAG G . 2.94 27.50 24.98
O3 NAG G . 5.53 27.78 26.30
O4 NAG G . 6.56 25.31 27.40
O5 NAG G . 2.94 24.83 27.56
O6 NAG G . 5.55 22.61 28.56
O7 NAG G . 3.89 29.47 25.48
C11 O0Z H . -8.36 2.48 1.57
C12 O0Z H . -7.93 2.49 0.22
C13 O0Z H . -7.86 3.74 -0.44
C14 O0Z H . -8.21 4.96 0.24
C01 O0Z H . -14.97 8.90 7.24
C02 O0Z H . -14.68 7.61 6.42
C03 O0Z H . -13.22 7.11 6.51
C04 O0Z H . -12.84 6.05 5.48
C06 O0Z H . -11.13 4.45 4.68
C07 O0Z H . -9.61 4.13 4.77
C08 O0Z H . -9.12 3.25 3.64
C09 O0Z H . -8.97 1.86 3.69
C15 O0Z H . -8.65 4.90 1.58
C16 O0Z H . -8.73 3.64 2.29
C17 O0Z H . -11.98 3.13 4.75
C20 O0Z H . -13.45 1.47 3.56
C21 O0Z H . -13.15 0.68 2.21
C22 O0Z H . -11.83 -0.18 2.17
C23 O0Z H . -11.72 -1.05 3.43
C24 O0Z H . -10.51 -2.00 3.47
C25 O0Z H . -10.75 -3.34 2.82
C27 O0Z H . -9.49 -4.34 0.74
C28 O0Z H . -8.03 -3.85 0.90
C29 O0Z H . -7.41 -3.66 2.16
C30 O0Z H . -6.08 -3.23 2.27
C31 O0Z H . -5.31 -2.95 1.12
C32 O0Z H . -5.92 -3.14 -0.13
C33 O0Z H . -7.25 -3.59 -0.24
C34 O0Z H . -10.53 -1.92 0.70
C35 O0Z H . -11.83 -1.09 0.91
N05 O0Z H . -11.56 5.34 5.83
N10 O0Z H . -8.52 1.39 2.48
N19 O0Z H . -12.65 2.67 3.57
N26 O0Z H . -10.64 -3.36 1.26
O18 O0Z H . -12.07 2.51 5.82
S SO4 I . -10.04 12.41 2.42
O1 SO4 I . -9.08 11.54 1.66
O2 SO4 I . -9.96 12.16 3.85
O3 SO4 I . -11.43 12.18 2.01
O4 SO4 I . -9.77 13.83 2.20
S SO4 J . 18.15 3.24 -15.69
O1 SO4 J . 17.04 3.57 -14.76
O2 SO4 J . 19.41 3.14 -14.97
O3 SO4 J . 18.27 4.30 -16.70
O4 SO4 J . 17.84 1.96 -16.33
CL CL K . 4.57 -17.99 7.61
#